data_5I0T
#
_entry.id   5I0T
#
_cell.length_a   57.600
_cell.length_b   57.600
_cell.length_c   122.400
_cell.angle_alpha   90.00
_cell.angle_beta   90.00
_cell.angle_gamma   90.00
#
_symmetry.space_group_name_H-M   'P 43 21 2'
#
loop_
_entity.id
_entity.type
_entity.pdbx_description
1 polymer 'Cysteine dioxygenase type 1'
2 non-polymer 'FE (III) ION'
3 non-polymer THIOSULFATE
4 water water
#
_entity_poly.entity_id   1
_entity_poly.type   'polypeptide(L)'
_entity_poly.pdbx_seq_one_letter_code
;MERTELLKPRTLADLIRILHELFAGDEVNVEEVQAVLEAYESNPAEWALYAKFDQYRYTRNLVDQGNGKFNLMILCWGEG
HGSSIHDHTDSHCFLKLLQGNLKETLFDWPDKKSNEMIKKSERTLRENQCAYINDSIGLHRVENVSHTEPAVSLHLYSPP
FDT(CSS)HAFDQRTGHKNKVTMTFHSKFGIRTPFTTSGSLENN
;
_entity_poly.pdbx_strand_id   A
#
loop_
_chem_comp.id
_chem_comp.type
_chem_comp.name
_chem_comp.formula
FE non-polymer 'FE (III) ION' 'Fe 3'
THJ non-polymer THIOSULFATE 'O3 S2 -2'
#
# COMPACT_ATOMS: atom_id res chain seq x y z
N GLU A 5 -14.26 18.30 8.90
CA GLU A 5 -15.54 17.72 8.48
C GLU A 5 -15.31 16.79 7.29
N LEU A 6 -15.30 15.48 7.56
CA LEU A 6 -14.98 14.48 6.54
C LEU A 6 -16.19 14.21 5.68
N LEU A 7 -16.10 14.51 4.39
CA LEU A 7 -17.17 14.20 3.46
C LEU A 7 -16.75 13.06 2.54
N LYS A 8 -17.74 12.41 1.93
CA LYS A 8 -17.44 11.28 1.06
C LYS A 8 -16.73 11.77 -0.20
N PRO A 9 -15.59 11.20 -0.56
CA PRO A 9 -14.96 11.60 -1.81
C PRO A 9 -15.82 11.14 -2.98
N ARG A 10 -16.10 12.05 -3.90
CA ARG A 10 -16.98 11.75 -5.01
C ARG A 10 -16.26 11.06 -6.15
N THR A 11 -14.94 11.24 -6.22
CA THR A 11 -14.09 10.78 -7.30
C THR A 11 -12.70 10.64 -6.71
N LEU A 12 -11.80 10.02 -7.49
CA LEU A 12 -10.40 9.93 -7.07
C LEU A 12 -9.80 11.33 -6.92
N ALA A 13 -10.09 12.23 -7.85
CA ALA A 13 -9.57 13.58 -7.73
C ALA A 13 -10.07 14.25 -6.46
N ASP A 14 -11.33 14.02 -6.11
CA ASP A 14 -11.88 14.57 -4.88
C ASP A 14 -11.21 13.94 -3.66
N LEU A 15 -10.98 12.63 -3.70
CA LEU A 15 -10.24 12.00 -2.62
C LEU A 15 -8.87 12.64 -2.44
N ILE A 16 -8.16 12.87 -3.54
CA ILE A 16 -6.82 13.46 -3.44
C ILE A 16 -6.90 14.83 -2.79
N ARG A 17 -7.86 15.65 -3.20
CA ARG A 17 -8.03 16.96 -2.58
C ARG A 17 -8.28 16.83 -1.09
N ILE A 18 -9.12 15.89 -0.69
CA ILE A 18 -9.40 15.67 0.72
C ILE A 18 -8.15 15.22 1.46
N LEU A 19 -7.35 14.35 0.85
CA LEU A 19 -6.11 13.90 1.48
C LEU A 19 -5.16 15.06 1.69
N HIS A 20 -5.06 15.98 0.73
CA HIS A 20 -4.22 17.14 0.95
CA HIS A 20 -4.22 17.15 0.95
C HIS A 20 -4.69 17.95 2.15
N GLU A 21 -6.00 17.97 2.41
CA GLU A 21 -6.48 18.63 3.62
C GLU A 21 -6.09 17.85 4.88
N LEU A 22 -6.25 16.53 4.85
CA LEU A 22 -5.98 15.72 6.04
C LEU A 22 -4.50 15.67 6.38
N PHE A 23 -3.62 15.95 5.42
CA PHE A 23 -2.18 15.92 5.66
C PHE A 23 -1.58 17.33 5.67
N ALA A 24 -2.42 18.36 5.79
CA ALA A 24 -1.92 19.73 5.80
C ALA A 24 -1.01 19.99 6.99
N GLY A 25 -1.24 19.28 8.08
CA GLY A 25 -0.50 19.50 9.32
C GLY A 25 0.61 18.48 9.48
N ASP A 26 1.11 18.38 10.72
CA ASP A 26 2.30 17.59 11.01
C ASP A 26 2.00 16.19 11.51
N GLU A 27 0.76 15.94 11.90
CA GLU A 27 0.36 14.64 12.40
C GLU A 27 -0.70 14.05 11.46
N VAL A 28 -1.14 12.84 11.79
CA VAL A 28 -1.99 12.03 10.92
C VAL A 28 -3.08 11.44 11.79
N ASN A 29 -4.33 11.75 11.47
CA ASN A 29 -5.47 11.11 12.10
C ASN A 29 -5.76 9.85 11.30
N VAL A 30 -5.23 8.73 11.79
CA VAL A 30 -5.26 7.49 11.04
C VAL A 30 -6.70 7.06 10.77
N GLU A 31 -7.56 7.20 11.77
CA GLU A 31 -8.91 6.71 11.59
C GLU A 31 -9.70 7.54 10.59
N GLU A 32 -9.43 8.84 10.52
CA GLU A 32 -10.11 9.66 9.53
C GLU A 32 -9.59 9.36 8.13
N VAL A 33 -8.26 9.20 7.97
CA VAL A 33 -7.70 8.87 6.67
C VAL A 33 -8.25 7.55 6.18
N GLN A 34 -8.30 6.57 7.08
CA GLN A 34 -8.82 5.27 6.71
C GLN A 34 -10.28 5.37 6.29
N ALA A 35 -11.05 6.17 7.03
CA ALA A 35 -12.49 6.26 6.75
C ALA A 35 -12.74 6.89 5.38
N VAL A 36 -11.98 7.94 5.06
CA VAL A 36 -12.17 8.59 3.76
CA VAL A 36 -12.14 8.60 3.75
C VAL A 36 -11.71 7.69 2.62
N LEU A 37 -10.60 6.97 2.79
CA LEU A 37 -10.17 6.01 1.78
C LEU A 37 -11.24 4.95 1.58
N GLU A 38 -11.76 4.41 2.67
CA GLU A 38 -12.81 3.39 2.55
C GLU A 38 -14.06 3.95 1.86
N ALA A 39 -14.40 5.22 2.13
CA ALA A 39 -15.61 5.80 1.57
C ALA A 39 -15.53 6.11 0.08
N TYR A 40 -14.33 6.30 -0.48
CA TYR A 40 -14.22 6.44 -1.93
C TYR A 40 -14.62 5.13 -2.59
N GLU A 41 -15.62 5.17 -3.44
CA GLU A 41 -16.08 3.99 -4.15
C GLU A 41 -15.27 3.88 -5.43
N SER A 42 -14.44 2.86 -5.51
CA SER A 42 -13.57 2.70 -6.66
C SER A 42 -14.33 2.83 -7.98
N ASN A 43 -13.82 3.69 -8.85
CA ASN A 43 -14.37 3.89 -10.18
C ASN A 43 -13.25 3.63 -11.16
N PRO A 44 -13.26 2.48 -11.83
CA PRO A 44 -12.10 2.12 -12.66
C PRO A 44 -11.71 3.15 -13.70
N ALA A 45 -12.66 3.90 -14.25
CA ALA A 45 -12.33 4.86 -15.29
C ALA A 45 -11.45 5.97 -14.75
N GLU A 46 -11.58 6.26 -13.45
CA GLU A 46 -10.82 7.33 -12.83
C GLU A 46 -9.36 6.96 -12.61
N TRP A 47 -9.04 5.68 -12.53
CA TRP A 47 -7.68 5.28 -12.23
C TRP A 47 -7.06 4.41 -13.31
N ALA A 48 -7.75 4.20 -14.44
CA ALA A 48 -7.21 3.40 -15.53
C ALA A 48 -5.84 3.88 -16.00
N LEU A 49 -5.62 5.20 -16.00
CA LEU A 49 -4.35 5.77 -16.41
C LEU A 49 -3.19 5.19 -15.63
N TYR A 50 -3.40 4.89 -14.35
CA TYR A 50 -2.33 4.47 -13.46
C TYR A 50 -2.19 2.96 -13.39
N ALA A 51 -3.14 2.23 -13.94
CA ALA A 51 -3.20 0.78 -13.76
C ALA A 51 -2.39 0.11 -14.86
N LYS A 52 -1.08 0.24 -14.73
CA LYS A 52 -0.14 -0.28 -15.70
C LYS A 52 0.46 -1.54 -15.11
N PHE A 53 0.15 -2.68 -15.70
CA PHE A 53 0.61 -3.96 -15.20
C PHE A 53 1.90 -4.40 -15.89
N ASP A 54 2.62 -5.26 -15.20
CA ASP A 54 3.77 -6.00 -15.75
C ASP A 54 3.44 -7.48 -15.68
N GLN A 55 3.91 -8.23 -16.65
CA GLN A 55 3.55 -9.63 -16.67
C GLN A 55 4.14 -10.41 -15.50
N TYR A 56 5.29 -10.00 -14.99
CA TYR A 56 6.09 -10.87 -14.13
C TYR A 56 6.00 -10.49 -12.67
N ARG A 57 5.68 -9.25 -12.33
CA ARG A 57 5.56 -8.90 -10.92
C ARG A 57 4.65 -7.69 -10.78
N TYR A 58 4.34 -7.37 -9.54
CA TYR A 58 3.45 -6.25 -9.32
C TYR A 58 4.20 -4.96 -9.61
N THR A 59 3.43 -3.91 -9.96
CA THR A 59 3.99 -2.62 -10.30
C THR A 59 3.47 -1.57 -9.34
N ARG A 60 4.27 -0.54 -9.16
CA ARG A 60 3.97 0.61 -8.30
C ARG A 60 3.86 1.82 -9.22
N ASN A 61 2.72 2.50 -9.17
CA ASN A 61 2.41 3.59 -10.08
C ASN A 61 2.04 4.83 -9.29
N LEU A 62 2.92 5.82 -9.30
CA LEU A 62 2.74 7.00 -8.47
C LEU A 62 1.60 7.82 -9.02
N VAL A 63 0.69 8.22 -8.14
CA VAL A 63 -0.48 9.03 -8.47
C VAL A 63 -0.32 10.47 -8.02
N ASP A 64 0.16 10.67 -6.79
CA ASP A 64 0.25 12.00 -6.23
C ASP A 64 1.36 12.00 -5.20
N GLN A 65 2.11 13.10 -5.14
CA GLN A 65 3.18 13.18 -4.17
C GLN A 65 2.79 13.97 -2.94
N GLY A 66 1.51 14.29 -2.80
N GLY A 66 1.52 14.35 -2.80
CA GLY A 66 1.06 15.05 -1.66
CA GLY A 66 1.05 14.86 -1.53
C GLY A 66 1.66 16.44 -1.72
C GLY A 66 1.78 16.09 -1.04
N ASN A 67 1.80 17.04 -0.55
N ASN A 67 2.34 16.89 -1.96
CA ASN A 67 2.52 18.30 -0.42
CA ASN A 67 3.11 18.08 -1.64
C ASN A 67 3.83 17.99 0.29
C ASN A 67 4.19 17.75 -0.61
N GLY A 68 4.59 17.05 -0.28
N GLY A 68 4.72 16.51 -0.69
CA GLY A 68 5.72 16.45 0.41
CA GLY A 68 5.78 16.03 0.17
C GLY A 68 5.35 15.62 1.61
C GLY A 68 5.34 15.26 1.40
N LYS A 69 4.06 15.31 1.78
CA LYS A 69 3.58 14.69 3.02
C LYS A 69 3.26 13.22 2.87
N PHE A 70 2.96 12.78 1.66
CA PHE A 70 2.63 11.39 1.44
C PHE A 70 2.88 11.03 -0.01
N ASN A 71 3.13 9.74 -0.23
CA ASN A 71 3.08 9.17 -1.57
C ASN A 71 1.75 8.45 -1.69
N LEU A 72 0.99 8.76 -2.75
CA LEU A 72 -0.22 8.00 -3.09
C LEU A 72 0.08 7.27 -4.38
N MET A 73 -0.06 5.95 -4.37
CA MET A 73 0.35 5.16 -5.52
C MET A 73 -0.66 4.04 -5.72
N ILE A 74 -0.71 3.55 -6.95
CA ILE A 74 -1.54 2.41 -7.30
C ILE A 74 -0.64 1.23 -7.62
N LEU A 75 -0.92 0.09 -6.97
CA LEU A 75 -0.17 -1.14 -7.18
C LEU A 75 -1.05 -2.09 -7.98
N CYS A 76 -0.46 -2.70 -9.00
CA CYS A 76 -1.16 -3.55 -9.93
C CYS A 76 -0.55 -4.94 -9.83
N TRP A 77 -1.38 -5.91 -9.43
CA TRP A 77 -0.94 -7.24 -9.07
C TRP A 77 -1.52 -8.21 -10.07
N GLY A 78 -0.71 -8.75 -10.96
CA GLY A 78 -1.17 -9.84 -11.81
C GLY A 78 -1.56 -11.02 -10.96
N GLU A 79 -2.16 -11.99 -11.63
CA GLU A 79 -2.51 -13.23 -10.96
C GLU A 79 -1.27 -13.85 -10.34
N GLY A 80 -1.34 -14.17 -9.05
CA GLY A 80 -0.26 -14.81 -8.36
C GLY A 80 0.88 -13.91 -7.95
N HIS A 81 0.80 -12.62 -8.23
CA HIS A 81 1.86 -11.72 -7.84
C HIS A 81 1.72 -11.38 -6.38
N GLY A 82 2.85 -11.27 -5.71
CA GLY A 82 2.86 -10.87 -4.32
C GLY A 82 4.13 -10.15 -3.96
N SER A 83 4.12 -9.63 -2.74
CA SER A 83 5.23 -8.88 -2.19
C SER A 83 6.13 -9.76 -1.34
N SER A 84 7.24 -9.16 -0.94
N SER A 84 7.26 -9.20 -0.95
CA SER A 84 8.06 -9.66 0.14
CA SER A 84 8.04 -9.79 0.11
C SER A 84 7.31 -9.51 1.46
C SER A 84 7.39 -9.45 1.45
N ILE A 85 7.85 -10.13 2.51
CA ILE A 85 7.54 -9.71 3.86
C ILE A 85 8.32 -8.43 4.09
N HIS A 86 7.64 -7.37 4.46
CA HIS A 86 8.34 -6.09 4.53
C HIS A 86 7.78 -5.20 5.64
N ASP A 87 8.60 -4.21 5.97
CA ASP A 87 8.28 -3.14 6.89
C ASP A 87 7.89 -1.91 6.10
N HIS A 88 7.69 -0.81 6.82
CA HIS A 88 7.19 0.41 6.20
C HIS A 88 7.95 1.64 6.68
N THR A 89 9.19 1.45 7.12
CA THR A 89 10.15 2.54 7.21
C THR A 89 9.60 3.67 8.04
N ASP A 90 9.02 3.32 9.18
CA ASP A 90 8.55 4.30 10.15
C ASP A 90 7.45 5.20 9.60
N SER A 91 6.73 4.72 8.60
CA SER A 91 5.63 5.45 8.01
C SER A 91 4.30 4.76 8.27
N HIS A 92 3.25 5.57 8.22
CA HIS A 92 1.89 5.06 8.10
C HIS A 92 1.69 4.49 6.72
N CYS A 93 0.92 3.42 6.63
CA CYS A 93 0.68 2.82 5.34
C CYS A 93 -0.77 2.35 5.27
N PHE A 94 -1.50 2.91 4.34
CA PHE A 94 -2.89 2.59 4.12
C PHE A 94 -3.00 1.90 2.78
N LEU A 95 -3.80 0.86 2.73
CA LEU A 95 -3.93 0.04 1.52
C LEU A 95 -5.40 -0.16 1.26
N LYS A 96 -5.90 0.40 0.18
CA LYS A 96 -7.31 0.27 -0.18
C LYS A 96 -7.45 -0.52 -1.47
N LEU A 97 -8.29 -1.51 -1.46
CA LEU A 97 -8.49 -2.29 -2.66
C LEU A 97 -9.38 -1.55 -3.64
N LEU A 98 -8.92 -1.42 -4.87
CA LEU A 98 -9.68 -0.82 -5.97
C LEU A 98 -10.29 -1.86 -6.89
N GLN A 99 -9.70 -3.05 -6.97
CA GLN A 99 -10.18 -4.10 -7.83
C GLN A 99 -9.63 -5.41 -7.30
N GLY A 100 -10.46 -6.43 -7.21
CA GLY A 100 -9.99 -7.75 -6.83
C GLY A 100 -9.87 -7.90 -5.32
N ASN A 101 -9.01 -8.84 -4.93
CA ASN A 101 -8.79 -9.20 -3.54
C ASN A 101 -7.30 -9.42 -3.35
N LEU A 102 -6.83 -9.13 -2.13
CA LEU A 102 -5.45 -9.41 -1.74
C LEU A 102 -5.46 -10.11 -0.41
N LYS A 103 -4.51 -11.04 -0.23
CA LYS A 103 -4.30 -11.70 1.05
C LYS A 103 -3.18 -10.97 1.77
N GLU A 104 -3.46 -10.52 2.98
CA GLU A 104 -2.48 -9.86 3.83
C GLU A 104 -2.11 -10.83 4.94
N THR A 105 -0.83 -11.15 5.05
CA THR A 105 -0.31 -11.99 6.12
C THR A 105 0.55 -11.15 7.04
N LEU A 106 0.25 -11.19 8.33
CA LEU A 106 0.97 -10.40 9.32
C LEU A 106 2.03 -11.23 10.01
N PHE A 107 3.17 -10.60 10.28
CA PHE A 107 4.28 -11.24 10.97
C PHE A 107 4.79 -10.29 12.05
N ASP A 108 5.28 -10.89 13.12
CA ASP A 108 5.99 -10.11 14.12
C ASP A 108 7.41 -9.78 13.64
N TRP A 109 7.93 -8.71 14.20
CA TRP A 109 9.35 -8.40 14.00
C TRP A 109 10.19 -9.57 14.49
N PRO A 110 11.19 -10.01 13.72
CA PRO A 110 12.00 -11.15 14.16
C PRO A 110 12.85 -10.79 15.37
N ASP A 111 13.27 -11.84 16.07
CA ASP A 111 14.28 -11.67 17.11
C ASP A 111 15.67 -11.70 16.46
N LYS A 112 16.70 -11.49 17.29
CA LYS A 112 18.07 -11.57 16.77
C LYS A 112 18.39 -12.97 16.27
N LYS A 113 17.93 -13.98 17.00
CA LYS A 113 18.20 -15.37 16.62
C LYS A 113 17.60 -15.67 15.26
N SER A 114 18.35 -16.37 14.42
CA SER A 114 17.82 -16.81 13.14
C SER A 114 16.77 -17.89 13.37
N ASN A 115 15.54 -17.61 12.97
CA ASN A 115 14.45 -18.56 13.11
C ASN A 115 13.44 -18.32 12.00
N GLU A 116 12.63 -19.35 11.74
CA GLU A 116 11.54 -19.21 10.79
C GLU A 116 10.59 -18.13 11.29
N MET A 117 10.17 -17.27 10.39
CA MET A 117 9.13 -16.30 10.71
C MET A 117 7.77 -16.97 10.53
N ILE A 118 7.02 -17.10 11.62
CA ILE A 118 5.71 -17.73 11.60
C ILE A 118 4.64 -16.65 11.58
N LYS A 119 3.70 -16.76 10.63
CA LYS A 119 2.66 -15.75 10.52
C LYS A 119 1.88 -15.66 11.82
N LYS A 120 1.44 -14.46 12.16
CA LYS A 120 0.57 -14.27 13.31
CA LYS A 120 0.57 -14.32 13.32
C LYS A 120 -0.90 -14.32 12.93
N SER A 121 -1.23 -13.88 11.73
CA SER A 121 -2.61 -13.93 11.26
C SER A 121 -2.62 -13.65 9.77
N GLU A 122 -3.78 -13.87 9.16
CA GLU A 122 -3.94 -13.56 7.75
C GLU A 122 -5.37 -13.10 7.55
N ARG A 123 -5.56 -12.24 6.56
CA ARG A 123 -6.91 -11.86 6.20
C ARG A 123 -7.00 -11.55 4.72
N THR A 124 -8.21 -11.64 4.23
CA THR A 124 -8.52 -11.32 2.84
C THR A 124 -9.07 -9.91 2.77
N LEU A 125 -8.38 -9.05 2.02
CA LEU A 125 -8.80 -7.68 1.80
C LEU A 125 -9.64 -7.66 0.53
N ARG A 126 -10.87 -7.16 0.65
CA ARG A 126 -11.82 -7.22 -0.45
C ARG A 126 -12.01 -5.84 -1.05
N GLU A 127 -12.61 -5.81 -2.24
CA GLU A 127 -12.85 -4.59 -2.99
CA GLU A 127 -12.79 -4.57 -2.97
C GLU A 127 -13.38 -3.49 -2.08
N ASN A 128 -12.79 -2.31 -2.19
CA ASN A 128 -13.11 -1.07 -1.50
C ASN A 128 -12.70 -1.05 -0.02
N GLN A 129 -12.23 -2.14 0.54
N GLN A 129 -12.36 -2.22 0.51
CA GLN A 129 -11.77 -2.08 1.94
CA GLN A 129 -11.92 -2.39 1.89
C GLN A 129 -10.46 -1.30 2.03
C GLN A 129 -10.49 -1.89 2.04
N CYS A 130 -10.26 -0.58 3.13
N CYS A 130 -10.15 -1.52 3.26
CA CYS A 130 -8.97 0.05 3.41
CA CYS A 130 -8.89 -0.87 3.53
C CYS A 130 -8.38 -0.55 4.68
C CYS A 130 -8.15 -1.63 4.62
N ALA A 131 -7.16 -1.05 4.58
N ALA A 131 -6.83 -1.64 4.49
CA ALA A 131 -6.43 -1.57 5.70
CA ALA A 131 -5.93 -2.10 5.53
C ALA A 131 -5.33 -0.59 6.06
C ALA A 131 -4.99 -0.96 5.91
N TYR A 132 -4.69 -0.87 7.19
CA TYR A 132 -3.70 0.03 7.73
C TYR A 132 -2.63 -0.79 8.40
N ILE A 133 -1.38 -0.41 8.16
CA ILE A 133 -0.27 -1.03 8.85
C ILE A 133 0.78 0.02 9.18
N ASN A 134 1.53 -0.24 10.23
CA ASN A 134 2.71 0.50 10.59
C ASN A 134 3.66 -0.45 11.31
N ASP A 135 4.89 -0.02 11.50
CA ASP A 135 5.90 -0.90 12.07
C ASP A 135 5.54 -1.32 13.49
N SER A 136 4.77 -0.51 14.20
CA SER A 136 4.40 -0.92 15.55
C SER A 136 3.43 -2.10 15.53
N ILE A 137 2.65 -2.25 14.48
CA ILE A 137 1.72 -3.36 14.36
C ILE A 137 2.47 -4.61 13.94
N GLY A 138 3.45 -4.47 13.07
CA GLY A 138 4.21 -5.61 12.61
C GLY A 138 4.60 -5.43 11.16
N LEU A 139 4.98 -6.55 10.59
CA LEU A 139 5.38 -6.67 9.19
C LEU A 139 4.25 -7.35 8.43
N HIS A 140 4.25 -7.21 7.11
CA HIS A 140 3.26 -7.97 6.37
C HIS A 140 3.77 -8.37 5.00
N ARG A 141 3.07 -9.33 4.41
CA ARG A 141 3.18 -9.71 3.02
C ARG A 141 1.80 -9.49 2.43
N VAL A 142 1.76 -9.04 1.18
CA VAL A 142 0.52 -8.81 0.46
C VAL A 142 0.59 -9.60 -0.84
N GLU A 143 -0.45 -10.35 -1.16
CA GLU A 143 -0.40 -11.27 -2.29
C GLU A 143 -1.73 -11.32 -3.01
N ASN A 144 -1.68 -11.31 -4.33
CA ASN A 144 -2.87 -11.64 -5.11
C ASN A 144 -2.80 -13.13 -5.36
N VAL A 145 -3.57 -13.89 -4.59
CA VAL A 145 -3.57 -15.35 -4.75
C VAL A 145 -4.50 -15.80 -5.84
N SER A 146 -5.22 -14.89 -6.48
CA SER A 146 -6.14 -15.31 -7.53
C SER A 146 -5.40 -15.88 -8.72
N HIS A 147 -6.00 -16.90 -9.35
CA HIS A 147 -5.53 -17.45 -10.61
C HIS A 147 -6.16 -16.78 -11.81
N THR A 148 -7.21 -15.97 -11.62
CA THR A 148 -7.98 -15.44 -12.71
C THR A 148 -8.23 -13.95 -12.67
N GLU A 149 -8.00 -13.27 -11.56
CA GLU A 149 -8.38 -11.87 -11.43
C GLU A 149 -7.20 -11.01 -11.00
N PRO A 150 -6.76 -10.08 -11.83
CA PRO A 150 -5.78 -9.11 -11.40
C PRO A 150 -6.35 -8.26 -10.27
N ALA A 151 -5.49 -7.76 -9.41
CA ALA A 151 -5.92 -6.89 -8.33
C ALA A 151 -5.25 -5.55 -8.50
N VAL A 152 -5.90 -4.52 -7.99
CA VAL A 152 -5.39 -3.16 -8.03
C VAL A 152 -5.64 -2.56 -6.67
N SER A 153 -4.63 -1.96 -6.07
CA SER A 153 -4.76 -1.35 -4.76
C SER A 153 -4.21 0.06 -4.78
N LEU A 154 -4.75 0.86 -3.89
CA LEU A 154 -4.39 2.25 -3.72
C LEU A 154 -3.69 2.37 -2.38
N HIS A 155 -2.44 2.81 -2.40
CA HIS A 155 -1.60 2.86 -1.22
C HIS A 155 -1.22 4.28 -0.90
N LEU A 156 -1.28 4.62 0.37
CA LEU A 156 -0.87 5.93 0.86
C LEU A 156 0.16 5.73 1.97
N TYR A 157 1.32 6.34 1.79
CA TYR A 157 2.40 6.24 2.77
C TYR A 157 2.79 7.62 3.22
N SER A 158 2.86 7.80 4.54
CA SER A 158 3.21 9.07 5.11
C SER A 158 4.10 8.88 6.33
N PRO A 159 5.29 9.51 6.37
CA PRO A 159 5.90 10.28 5.28
C PRO A 159 6.23 9.38 4.11
N PRO A 160 6.52 9.97 2.96
N PRO A 160 6.53 9.96 2.95
CA PRO A 160 6.96 9.15 1.82
CA PRO A 160 6.92 9.11 1.83
C PRO A 160 8.25 8.43 2.16
C PRO A 160 8.25 8.44 2.14
N PHE A 161 8.42 7.24 1.61
CA PHE A 161 9.67 6.52 1.76
C PHE A 161 10.02 5.84 0.45
N ASP A 162 11.32 5.75 0.18
CA ASP A 162 11.80 5.15 -1.06
C ASP A 162 12.52 3.83 -0.82
N THR A 163 12.72 3.44 0.44
CA THR A 163 13.34 2.16 0.75
C THR A 163 12.61 1.49 1.87
N CSS A 164 12.71 0.17 1.91
N CSS A 164 12.79 0.18 1.97
CA CSS A 164 12.18 -0.63 3.00
CA CSS A 164 12.20 -0.61 3.02
CB CSS A 164 10.69 -0.93 2.89
CB CSS A 164 10.81 -1.11 2.62
SG CSS A 164 10.28 -2.09 1.65
SG CSS A 164 10.85 -2.02 1.13
SD CSS A 164 9.26 -1.01 0.16
SD CSS A 164 10.84 -0.67 -0.50
C CSS A 164 12.98 -1.91 3.05
C CSS A 164 13.14 -1.77 3.26
O CSS A 164 13.86 -2.19 2.23
O CSS A 164 14.27 -1.82 2.77
HA CSS A 164 12.36 -0.04 3.96
HA CSS A 164 12.13 0.03 3.95
HB2 CSS A 164 10.13 0.03 2.73
HB2 CSS A 164 10.11 -0.25 2.55
HB3 CSS A 164 10.31 -1.41 3.84
HB3 CSS A 164 10.42 -1.85 3.37
HD CSS A 164 10.02 0.08 0.12
HD CSS A 164 10.77 -1.53 -1.50
N HIS A 165 12.68 -2.74 4.05
CA HIS A 165 13.36 -4.01 4.21
C HIS A 165 12.50 -5.15 3.79
N ALA A 166 13.10 -6.12 3.09
CA ALA A 166 12.49 -7.40 2.84
C ALA A 166 13.07 -8.41 3.82
N PHE A 167 12.22 -9.27 4.38
CA PHE A 167 12.62 -10.25 5.38
C PHE A 167 12.56 -11.65 4.80
N ASP A 168 13.60 -12.42 5.08
CA ASP A 168 13.67 -13.81 4.67
C ASP A 168 12.82 -14.63 5.64
N GLN A 169 11.76 -15.24 5.13
CA GLN A 169 10.84 -15.95 6.00
C GLN A 169 11.52 -17.13 6.71
N ARG A 170 12.59 -17.66 6.13
CA ARG A 170 13.28 -18.80 6.72
C ARG A 170 14.13 -18.43 7.93
N THR A 171 14.54 -17.17 8.07
CA THR A 171 15.53 -16.77 9.06
C THR A 171 15.19 -15.48 9.79
N GLY A 172 14.36 -14.61 9.22
CA GLY A 172 14.14 -13.30 9.78
C GLY A 172 15.16 -12.27 9.37
N HIS A 173 16.17 -12.67 8.59
CA HIS A 173 17.19 -11.73 8.14
CA HIS A 173 17.17 -11.70 8.18
C HIS A 173 16.56 -10.71 7.19
N LYS A 174 17.04 -9.48 7.26
CA LYS A 174 16.46 -8.43 6.44
C LYS A 174 17.50 -7.85 5.49
N ASN A 175 17.01 -7.35 4.37
CA ASN A 175 17.84 -6.68 3.37
CA ASN A 175 17.85 -6.66 3.40
C ASN A 175 17.10 -5.43 2.92
N LYS A 176 17.85 -4.36 2.73
CA LYS A 176 17.26 -3.10 2.29
C LYS A 176 16.97 -3.17 0.81
N VAL A 177 15.77 -2.76 0.43
CA VAL A 177 15.33 -2.71 -0.96
C VAL A 177 14.93 -1.29 -1.27
N THR A 178 15.23 -0.84 -2.49
CA THR A 178 14.79 0.47 -2.97
C THR A 178 13.55 0.28 -3.81
N MET A 179 12.52 1.06 -3.49
CA MET A 179 11.29 1.07 -4.23
C MET A 179 11.53 1.78 -5.56
N THR A 180 11.03 1.19 -6.63
CA THR A 180 11.04 1.83 -7.94
C THR A 180 9.61 2.03 -8.39
N PHE A 181 9.37 3.16 -9.06
CA PHE A 181 8.07 3.46 -9.66
C PHE A 181 8.06 3.02 -11.12
N HIS A 182 7.10 2.17 -11.46
CA HIS A 182 6.83 1.75 -12.83
C HIS A 182 6.34 2.93 -13.67
N SER A 183 5.56 3.81 -13.07
CA SER A 183 5.08 5.00 -13.76
C SER A 183 4.88 6.07 -12.70
N LYS A 184 4.83 7.32 -13.17
CA LYS A 184 4.55 8.46 -12.32
C LYS A 184 3.60 9.38 -13.08
N PHE A 185 2.46 9.66 -12.47
CA PHE A 185 1.46 10.56 -13.05
C PHE A 185 0.99 10.09 -14.41
N GLY A 186 0.92 8.76 -14.59
CA GLY A 186 0.44 8.15 -15.80
C GLY A 186 1.48 7.92 -16.88
N ILE A 187 2.72 8.34 -16.63
CA ILE A 187 3.81 8.24 -17.59
C ILE A 187 4.74 7.10 -17.16
N ARG A 188 5.01 6.17 -18.08
CA ARG A 188 5.92 5.08 -17.79
C ARG A 188 7.31 5.65 -17.53
N THR A 189 7.94 5.18 -16.46
CA THR A 189 9.25 5.69 -16.04
C THR A 189 10.20 4.51 -15.98
N PRO A 190 10.81 4.14 -17.11
CA PRO A 190 11.81 3.05 -17.14
C PRO A 190 12.99 3.29 -16.21
FE FE B . 3.23 -3.12 2.79
S1 THJ C . 4.01 -1.83 -0.09
O1 THJ C . 3.68 -0.66 -0.99
O2 THJ C . 4.87 -2.73 -0.94
O3 THJ C . 4.69 -1.37 1.16
S2 THJ C . 2.37 -2.92 0.66
#